data_7TRB
#
_entry.id   7TRB
#
_cell.length_a   104.710
_cell.length_b   119.260
_cell.length_c   36.710
_cell.angle_alpha   90.000
_cell.angle_beta   90.000
_cell.angle_gamma   90.000
#
_symmetry.space_group_name_H-M   'P 21 21 2'
#
loop_
_entity.id
_entity.type
_entity.pdbx_description
1 polymer 'Bile acid receptor'
2 polymer co-activator
3 non-polymer "(1s,3s)-N-({4-[5-(2-fluoropropan-2-yl)-1,2,4-oxadiazol-3-yl]bicyclo[2.2.2]octan-1-yl}methyl)-3-hydroxy-N-[4'-(2-hydroxypropan-2-yl)[1,1'-biphenyl]-3-yl]-3-(trifluoromethyl)cyclobutane-1-carboxamide"
4 water water
#
loop_
_entity_poly.entity_id
_entity_poly.type
_entity_poly.pdbx_seq_one_letter_code
_entity_poly.pdbx_strand_id
1 'polypeptide(L)'
;MGSSHHHHHHSSGETVRFQGHMELTPDQQTLLHFIMDSYNKQRMPQEITNKILKEAFSAEENFLILTEMATNHVQVLVEF
TKKLPGFQTLDHEDQIALLKGSAVEAMFLRSAEIFNKKLPSGHSDLLEARIRNSGISDEYITPMFSFYKSIGELKMTQEE
YALLTAIVILSPDRQYIKDREAVEKLQEPLLDVLQKLCKIHQPENPQHFACLLGRLTELRTFNHHHAEMLMSWRVNDHKF
TPLLCEIWDVQ
;
A,B
2 'polypeptide(L)' KDHQLLRYLLDKDE C,D
#
loop_
_chem_comp.id
_chem_comp.type
_chem_comp.name
_chem_comp.formula
IUS non-polymer (1s,3s)-N-({4-[5-(2-fluoropropan-2-yl)-1,2,4-oxadiazol-3-yl]bicyclo[2.2.2]octan-1-yl}methyl)-3-hydroxy-N-[4'-(2-hydroxypropan-2-yl)[1,1'-biphenyl]-3-yl]-3-(trifluoromethyl)cyclobutane-1-carboxamide 'C35 H41 F4 N3 O4'
#
# COMPACT_ATOMS: atom_id res chain seq x y z
N MET A 22 15.13 -6.77 15.45
CA MET A 22 14.56 -7.28 14.21
C MET A 22 13.27 -8.06 14.48
N GLU A 23 13.36 -9.08 15.34
CA GLU A 23 12.23 -9.91 15.74
C GLU A 23 11.40 -9.18 16.83
N LEU A 24 10.19 -9.68 17.13
CA LEU A 24 9.31 -9.14 18.17
C LEU A 24 9.99 -9.42 19.50
N THR A 25 10.19 -8.41 20.33
CA THR A 25 10.81 -8.63 21.64
C THR A 25 9.78 -9.33 22.58
N PRO A 26 10.22 -9.94 23.72
CA PRO A 26 9.25 -10.59 24.61
C PRO A 26 8.14 -9.66 25.08
N ASP A 27 8.42 -8.35 25.26
CA ASP A 27 7.40 -7.37 25.67
C ASP A 27 6.36 -7.19 24.57
N GLN A 28 6.82 -7.13 23.30
CA GLN A 28 5.99 -6.95 22.13
C GLN A 28 5.06 -8.13 21.93
N GLN A 29 5.56 -9.34 22.24
CA GLN A 29 4.81 -10.59 22.16
C GLN A 29 3.75 -10.65 23.24
N THR A 30 4.04 -10.07 24.41
CA THR A 30 3.03 -10.04 25.49
C THR A 30 1.93 -9.05 25.09
N LEU A 31 2.34 -7.87 24.61
CA LEU A 31 1.45 -6.83 24.12
C LEU A 31 0.55 -7.40 23.01
N LEU A 32 1.14 -8.05 21.99
CA LEU A 32 0.39 -8.71 20.93
C LEU A 32 -0.63 -9.73 21.46
N HIS A 33 -0.18 -10.64 22.34
CA HIS A 33 -1.00 -11.68 22.95
C HIS A 33 -2.18 -11.10 23.80
N PHE A 34 -1.91 -9.99 24.51
CA PHE A 34 -2.93 -9.26 25.27
C PHE A 34 -4.06 -8.80 24.35
N ILE A 35 -3.70 -8.09 23.26
CA ILE A 35 -4.59 -7.55 22.23
C ILE A 35 -5.39 -8.67 21.58
N MET A 36 -4.71 -9.75 21.21
CA MET A 36 -5.34 -10.92 20.61
C MET A 36 -6.37 -11.56 21.52
N ASP A 37 -6.07 -11.69 22.83
CA ASP A 37 -7.04 -12.21 23.80
C ASP A 37 -8.25 -11.29 23.81
N SER A 38 -8.05 -9.94 23.92
CA SER A 38 -9.15 -8.92 23.89
C SER A 38 -9.96 -9.07 22.58
N TYR A 39 -9.28 -9.21 21.42
CA TYR A 39 -9.90 -9.35 20.10
C TYR A 39 -10.74 -10.63 19.96
N ASN A 40 -10.31 -11.73 20.57
CA ASN A 40 -11.03 -13.03 20.46
C ASN A 40 -12.25 -13.08 21.40
N LYS A 41 -12.15 -12.49 22.59
CA LYS A 41 -13.25 -12.43 23.55
C LYS A 41 -14.48 -11.68 22.95
N GLN A 42 -14.29 -11.00 21.79
CA GLN A 42 -15.30 -10.23 21.06
C GLN A 42 -15.68 -10.98 19.76
N ARG A 43 -16.59 -11.98 19.82
CA ARG A 43 -16.95 -12.71 18.62
C ARG A 43 -18.47 -12.90 18.44
N MET A 44 -18.94 -12.60 17.22
CA MET A 44 -20.35 -12.70 16.81
C MET A 44 -20.72 -14.20 16.57
N PRO A 45 -22.03 -14.60 16.67
CA PRO A 45 -22.40 -16.02 16.48
C PRO A 45 -22.04 -16.68 15.13
N GLN A 46 -21.78 -18.01 15.18
CA GLN A 46 -21.48 -18.89 14.03
C GLN A 46 -22.81 -19.39 13.44
N GLU A 47 -23.92 -18.98 14.10
CA GLU A 47 -25.31 -19.22 13.73
C GLU A 47 -25.79 -18.02 12.90
N ILE A 48 -25.45 -16.77 13.33
CA ILE A 48 -25.82 -15.54 12.62
C ILE A 48 -25.01 -15.38 11.31
N THR A 49 -23.77 -15.93 11.28
CA THR A 49 -22.86 -15.85 10.13
C THR A 49 -23.31 -16.72 8.94
N ASN A 50 -23.59 -18.02 9.22
CA ASN A 50 -24.03 -19.01 8.22
C ASN A 50 -25.41 -18.63 7.64
N LYS A 51 -26.38 -18.28 8.53
CA LYS A 51 -27.74 -17.91 8.16
C LYS A 51 -27.84 -16.65 7.28
N ILE A 52 -26.85 -15.72 7.40
CA ILE A 52 -26.79 -14.46 6.66
C ILE A 52 -26.62 -14.67 5.16
N PHE A 57 -33.54 -14.49 3.68
CA PHE A 57 -34.31 -13.58 4.54
C PHE A 57 -35.31 -12.71 3.75
N SER A 58 -36.39 -12.27 4.42
CA SER A 58 -37.46 -11.44 3.83
C SER A 58 -37.10 -9.95 3.77
N ALA A 59 -37.98 -9.11 3.20
CA ALA A 59 -37.75 -7.67 3.00
C ALA A 59 -37.70 -6.81 4.28
N GLU A 60 -38.73 -6.86 5.17
CA GLU A 60 -38.74 -6.01 6.38
C GLU A 60 -37.90 -6.54 7.55
N GLU A 61 -37.61 -7.85 7.51
CA GLU A 61 -36.79 -8.60 8.46
C GLU A 61 -35.30 -8.25 8.18
N ASN A 62 -34.96 -7.91 6.91
CA ASN A 62 -33.63 -7.50 6.45
C ASN A 62 -33.18 -6.24 7.20
N PHE A 63 -34.05 -5.20 7.26
CA PHE A 63 -33.77 -3.93 7.95
C PHE A 63 -33.64 -4.10 9.48
N LEU A 64 -34.14 -5.24 10.01
CA LEU A 64 -34.05 -5.59 11.43
C LEU A 64 -32.70 -6.30 11.73
N ILE A 65 -32.26 -7.20 10.81
CA ILE A 65 -30.98 -7.93 10.91
C ILE A 65 -29.81 -6.92 10.85
N LEU A 66 -29.90 -5.94 9.91
CA LEU A 66 -28.90 -4.89 9.72
C LEU A 66 -28.76 -4.04 10.98
N THR A 67 -29.88 -3.72 11.66
CA THR A 67 -29.87 -2.94 12.90
C THR A 67 -29.25 -3.78 14.04
N GLU A 68 -29.41 -5.12 14.03
CA GLU A 68 -28.80 -5.99 15.06
C GLU A 68 -27.28 -6.08 14.81
N MET A 69 -26.87 -6.30 13.52
CA MET A 69 -25.47 -6.40 13.08
C MET A 69 -24.66 -5.20 13.53
N ALA A 70 -25.17 -3.99 13.24
CA ALA A 70 -24.55 -2.74 13.58
C ALA A 70 -24.41 -2.55 15.09
N THR A 71 -25.43 -2.93 15.87
CA THR A 71 -25.44 -2.82 17.34
C THR A 71 -24.33 -3.73 17.89
N ASN A 72 -24.28 -4.96 17.34
CA ASN A 72 -23.32 -5.99 17.71
C ASN A 72 -21.88 -5.56 17.51
N HIS A 73 -21.61 -4.83 16.40
CA HIS A 73 -20.31 -4.25 16.05
C HIS A 73 -19.95 -3.22 17.10
N VAL A 74 -20.88 -2.32 17.39
CA VAL A 74 -20.65 -1.26 18.36
C VAL A 74 -20.39 -1.85 19.79
N GLN A 75 -21.15 -2.89 20.21
CA GLN A 75 -20.97 -3.57 21.52
C GLN A 75 -19.60 -4.23 21.63
N VAL A 76 -19.16 -4.89 20.55
CA VAL A 76 -17.87 -5.58 20.42
C VAL A 76 -16.73 -4.53 20.43
N LEU A 77 -16.88 -3.41 19.67
CA LEU A 77 -15.92 -2.32 19.55
C LEU A 77 -15.65 -1.66 20.88
N VAL A 78 -16.69 -1.46 21.72
CA VAL A 78 -16.53 -0.84 23.03
C VAL A 78 -15.78 -1.77 23.96
N GLU A 79 -16.15 -3.06 23.98
CA GLU A 79 -15.51 -4.09 24.82
C GLU A 79 -14.01 -4.21 24.50
N PHE A 80 -13.67 -4.23 23.20
CA PHE A 80 -12.33 -4.29 22.71
C PHE A 80 -11.49 -3.07 23.11
N THR A 81 -12.01 -1.84 22.87
CA THR A 81 -11.38 -0.55 23.12
C THR A 81 -10.98 -0.34 24.60
N LYS A 82 -11.95 -0.63 25.49
CA LYS A 82 -11.89 -0.64 26.94
C LYS A 82 -10.58 -1.30 27.40
N LYS A 83 -10.27 -2.49 26.82
CA LYS A 83 -9.12 -3.33 27.14
C LYS A 83 -7.83 -2.92 26.45
N LEU A 84 -7.85 -1.93 25.54
CA LEU A 84 -6.62 -1.47 24.88
C LEU A 84 -5.67 -0.83 25.88
N PRO A 85 -4.37 -1.23 25.86
CA PRO A 85 -3.42 -0.65 26.83
C PRO A 85 -3.40 0.88 26.85
N GLY A 86 -3.62 1.45 28.03
CA GLY A 86 -3.61 2.90 28.26
C GLY A 86 -4.91 3.64 28.01
N PHE A 87 -5.88 3.00 27.35
CA PHE A 87 -7.16 3.63 27.05
C PHE A 87 -7.88 4.13 28.31
N GLN A 88 -7.88 3.33 29.37
CA GLN A 88 -8.55 3.70 30.63
C GLN A 88 -7.86 4.90 31.35
N THR A 89 -6.61 5.26 30.93
CA THR A 89 -5.81 6.39 31.47
C THR A 89 -6.16 7.70 30.75
N LEU A 90 -7.02 7.62 29.74
CA LEU A 90 -7.39 8.81 28.95
C LEU A 90 -8.55 9.51 29.62
N ASP A 91 -8.66 10.81 29.31
CA ASP A 91 -9.74 11.68 29.75
C ASP A 91 -11.04 11.09 29.25
N HIS A 92 -12.05 11.06 30.10
CA HIS A 92 -13.36 10.47 29.80
C HIS A 92 -14.00 11.00 28.51
N GLU A 93 -13.84 12.31 28.21
CA GLU A 93 -14.41 12.94 27.00
C GLU A 93 -13.65 12.48 25.74
N ASP A 94 -12.32 12.35 25.86
CA ASP A 94 -11.44 11.87 24.79
C ASP A 94 -11.76 10.42 24.42
N GLN A 95 -12.11 9.57 25.43
CA GLN A 95 -12.50 8.19 25.24
C GLN A 95 -13.77 8.10 24.38
N ILE A 96 -14.75 8.96 24.67
CA ILE A 96 -16.02 9.02 23.95
C ILE A 96 -15.81 9.47 22.52
N ALA A 97 -14.96 10.48 22.33
CA ALA A 97 -14.61 11.06 21.03
C ALA A 97 -13.94 9.99 20.12
N LEU A 98 -12.99 9.23 20.67
CA LEU A 98 -12.29 8.13 19.96
C LEU A 98 -13.28 7.05 19.52
N LEU A 99 -14.19 6.63 20.41
CA LEU A 99 -15.23 5.66 20.14
C LEU A 99 -16.17 6.10 19.06
N LYS A 100 -16.65 7.36 19.16
CA LYS A 100 -17.60 7.94 18.21
C LYS A 100 -16.93 8.14 16.86
N GLY A 101 -15.68 8.62 16.89
CA GLY A 101 -14.90 8.88 15.69
C GLY A 101 -14.41 7.65 14.94
N SER A 102 -14.21 6.50 15.62
CA SER A 102 -13.69 5.26 15.00
C SER A 102 -14.70 4.15 14.72
N ALA A 103 -15.94 4.25 15.24
CA ALA A 103 -16.99 3.22 15.09
C ALA A 103 -17.21 2.70 13.66
N VAL A 104 -17.37 3.58 12.68
CA VAL A 104 -17.59 3.19 11.28
C VAL A 104 -16.39 2.42 10.72
N GLU A 105 -15.19 3.00 10.84
CA GLU A 105 -13.92 2.43 10.36
C GLU A 105 -13.59 1.10 11.04
N ALA A 106 -13.82 0.99 12.37
CA ALA A 106 -13.59 -0.25 13.11
C ALA A 106 -14.59 -1.36 12.68
N MET A 107 -15.82 -0.94 12.39
CA MET A 107 -16.88 -1.84 11.92
C MET A 107 -16.52 -2.40 10.53
N PHE A 108 -16.09 -1.55 9.56
CA PHE A 108 -15.71 -2.03 8.21
C PHE A 108 -14.46 -2.90 8.22
N LEU A 109 -13.54 -2.62 9.13
CA LEU A 109 -12.34 -3.42 9.27
C LEU A 109 -12.67 -4.81 9.85
N ARG A 110 -13.47 -4.89 10.92
CA ARG A 110 -13.83 -6.16 11.54
C ARG A 110 -14.66 -7.02 10.59
N SER A 111 -15.50 -6.40 9.74
CA SER A 111 -16.27 -7.18 8.78
C SER A 111 -15.37 -7.75 7.70
N ALA A 112 -14.29 -7.02 7.31
CA ALA A 112 -13.29 -7.46 6.30
C ALA A 112 -12.54 -8.70 6.83
N GLU A 113 -12.25 -8.72 8.17
CA GLU A 113 -11.57 -9.81 8.87
C GLU A 113 -12.37 -11.09 8.73
N ILE A 114 -13.71 -11.02 8.96
CA ILE A 114 -14.63 -12.15 8.87
C ILE A 114 -14.74 -12.62 7.41
N PHE A 115 -15.06 -11.66 6.50
CA PHE A 115 -15.24 -11.85 5.05
C PHE A 115 -14.08 -12.52 4.31
N ASN A 116 -12.85 -12.29 4.77
CA ASN A 116 -11.66 -12.84 4.12
C ASN A 116 -11.05 -14.02 4.87
N LYS A 117 -11.18 -14.07 6.21
CA LYS A 117 -10.55 -15.10 7.02
C LYS A 117 -11.50 -16.10 7.69
N LYS A 118 -12.66 -15.66 8.21
CA LYS A 118 -13.58 -16.58 8.88
C LYS A 118 -14.49 -17.29 7.87
N LEU A 119 -14.90 -16.55 6.82
CA LEU A 119 -15.79 -17.02 5.75
C LEU A 119 -15.02 -17.32 4.45
N PRO A 120 -15.34 -18.44 3.74
CA PRO A 120 -14.61 -18.77 2.51
C PRO A 120 -14.94 -17.88 1.30
N SER A 121 -14.12 -18.01 0.22
CA SER A 121 -14.25 -17.29 -1.04
C SER A 121 -15.63 -17.51 -1.61
N GLY A 122 -16.04 -18.78 -1.70
CA GLY A 122 -17.35 -19.19 -2.15
C GLY A 122 -18.37 -19.15 -1.01
N HIS A 123 -18.69 -17.92 -0.56
CA HIS A 123 -19.63 -17.63 0.53
C HIS A 123 -19.84 -16.10 0.66
N SER A 124 -18.76 -15.34 0.46
CA SER A 124 -18.73 -13.87 0.48
C SER A 124 -19.61 -13.30 -0.63
N ASP A 125 -19.56 -13.95 -1.80
CA ASP A 125 -20.29 -13.62 -3.03
C ASP A 125 -21.80 -13.72 -2.81
N LEU A 126 -22.26 -14.77 -2.08
CA LEU A 126 -23.66 -14.98 -1.73
C LEU A 126 -24.18 -13.83 -0.86
N LEU A 127 -23.32 -13.36 0.09
CA LEU A 127 -23.59 -12.26 1.03
C LEU A 127 -23.71 -10.91 0.33
N GLU A 128 -22.93 -10.72 -0.74
CA GLU A 128 -22.93 -9.53 -1.59
C GLU A 128 -24.24 -9.40 -2.33
N ALA A 129 -24.68 -10.52 -2.96
CA ALA A 129 -25.92 -10.58 -3.71
C ALA A 129 -27.11 -10.32 -2.77
N ARG A 130 -27.13 -11.01 -1.62
CA ARG A 130 -28.19 -10.89 -0.63
C ARG A 130 -28.37 -9.43 -0.12
N ILE A 131 -27.24 -8.72 0.15
CA ILE A 131 -27.26 -7.34 0.65
C ILE A 131 -27.70 -6.36 -0.46
N ARG A 132 -27.34 -6.64 -1.73
CA ARG A 132 -27.71 -5.81 -2.88
C ARG A 132 -29.22 -5.83 -3.10
N ASN A 133 -29.81 -7.08 -3.21
CA ASN A 133 -31.24 -7.38 -3.42
C ASN A 133 -32.15 -6.83 -2.32
N SER A 134 -31.54 -6.35 -1.21
CA SER A 134 -32.22 -5.69 -0.10
C SER A 134 -32.36 -4.21 -0.48
N GLY A 135 -32.68 -3.36 0.50
CA GLY A 135 -32.90 -1.94 0.29
C GLY A 135 -31.69 -1.14 -0.16
N ILE A 136 -30.61 -1.22 0.66
CA ILE A 136 -29.34 -0.48 0.61
C ILE A 136 -28.84 -0.16 -0.82
N SER A 137 -28.35 1.10 -0.97
CA SER A 137 -27.82 1.72 -2.18
C SER A 137 -26.54 1.07 -2.72
N ASP A 138 -26.38 1.09 -4.07
CA ASP A 138 -25.20 0.61 -4.79
C ASP A 138 -24.02 1.53 -4.46
N GLU A 139 -24.30 2.83 -4.17
CA GLU A 139 -23.32 3.85 -3.77
C GLU A 139 -22.62 3.45 -2.46
N TYR A 140 -23.30 2.62 -1.64
CA TYR A 140 -22.81 2.11 -0.37
C TYR A 140 -22.15 0.73 -0.52
N ILE A 141 -22.80 -0.22 -1.26
CA ILE A 141 -22.33 -1.59 -1.51
C ILE A 141 -21.04 -1.65 -2.34
N THR A 142 -20.99 -0.97 -3.52
CA THR A 142 -19.81 -1.00 -4.42
C THR A 142 -18.50 -0.65 -3.68
N PRO A 143 -18.36 0.50 -2.94
CA PRO A 143 -17.10 0.75 -2.23
C PRO A 143 -16.81 -0.23 -1.11
N MET A 144 -17.88 -0.75 -0.44
CA MET A 144 -17.80 -1.73 0.64
C MET A 144 -17.09 -3.01 0.19
N PHE A 145 -17.49 -3.57 -0.96
CA PHE A 145 -16.92 -4.77 -1.51
C PHE A 145 -15.61 -4.53 -2.23
N SER A 146 -15.39 -3.31 -2.73
CA SER A 146 -14.12 -2.92 -3.35
C SER A 146 -13.04 -2.96 -2.24
N PHE A 147 -13.38 -2.40 -1.04
CA PHE A 147 -12.50 -2.45 0.13
C PHE A 147 -12.21 -3.88 0.57
N TYR A 148 -13.24 -4.75 0.66
CA TYR A 148 -13.08 -6.17 1.02
C TYR A 148 -12.16 -6.94 0.06
N LYS A 149 -12.28 -6.69 -1.27
CA LYS A 149 -11.43 -7.31 -2.28
C LYS A 149 -10.00 -6.75 -2.14
N SER A 150 -9.88 -5.41 -1.98
CA SER A 150 -8.61 -4.70 -1.82
C SER A 150 -7.84 -5.18 -0.59
N ILE A 151 -8.49 -5.23 0.59
CA ILE A 151 -7.83 -5.65 1.82
C ILE A 151 -7.60 -7.20 1.81
N GLY A 152 -8.45 -7.96 1.10
CA GLY A 152 -8.33 -9.40 0.96
C GLY A 152 -7.09 -9.84 0.19
N GLU A 153 -6.65 -9.00 -0.75
CA GLU A 153 -5.44 -9.27 -1.57
C GLU A 153 -4.18 -9.33 -0.70
N LEU A 154 -4.18 -8.61 0.42
CA LEU A 154 -3.05 -8.51 1.34
C LEU A 154 -2.74 -9.81 2.12
N LYS A 155 -3.68 -10.79 2.14
CA LYS A 155 -3.51 -12.07 2.86
C LYS A 155 -3.04 -11.80 4.32
N MET A 156 -3.79 -10.93 5.01
CA MET A 156 -3.46 -10.49 6.35
C MET A 156 -3.73 -11.57 7.37
N THR A 157 -2.89 -11.69 8.40
CA THR A 157 -3.15 -12.64 9.47
C THR A 157 -4.16 -12.00 10.46
N GLN A 158 -4.70 -12.81 11.40
CA GLN A 158 -5.65 -12.35 12.39
C GLN A 158 -4.99 -11.33 13.36
N GLU A 159 -3.67 -11.42 13.53
CA GLU A 159 -2.87 -10.51 14.37
C GLU A 159 -2.78 -9.15 13.72
N GLU A 160 -2.69 -9.12 12.37
CA GLU A 160 -2.63 -7.91 11.53
C GLU A 160 -3.96 -7.17 11.56
N TYR A 161 -5.07 -7.90 11.49
CA TYR A 161 -6.42 -7.34 11.60
C TYR A 161 -6.65 -6.76 13.02
N ALA A 162 -6.24 -7.47 14.07
CA ALA A 162 -6.43 -6.98 15.46
C ALA A 162 -5.62 -5.72 15.76
N LEU A 163 -4.35 -5.66 15.28
CA LEU A 163 -3.51 -4.48 15.48
C LEU A 163 -4.00 -3.29 14.64
N LEU A 164 -4.35 -3.52 13.36
CA LEU A 164 -4.88 -2.48 12.51
C LEU A 164 -6.18 -1.91 13.11
N THR A 165 -7.02 -2.74 13.76
CA THR A 165 -8.27 -2.29 14.41
C THR A 165 -7.94 -1.35 15.59
N ALA A 166 -7.01 -1.77 16.46
CA ALA A 166 -6.55 -0.97 17.61
C ALA A 166 -5.87 0.36 17.16
N ILE A 167 -5.19 0.36 16.02
CA ILE A 167 -4.53 1.53 15.43
C ILE A 167 -5.59 2.54 14.92
N VAL A 168 -6.66 2.01 14.27
CA VAL A 168 -7.79 2.76 13.74
C VAL A 168 -8.53 3.44 14.88
N ILE A 169 -8.72 2.72 15.99
CA ILE A 169 -9.42 3.23 17.16
C ILE A 169 -8.60 4.31 17.85
N LEU A 170 -7.28 4.09 17.98
CA LEU A 170 -6.40 5.02 18.68
C LEU A 170 -5.81 6.06 17.75
N SER A 171 -6.68 6.66 16.92
N SER A 171 -6.68 6.66 16.92
CA SER A 171 -6.31 7.71 15.97
CA SER A 171 -6.32 7.70 15.96
C SER A 171 -6.29 9.08 16.69
C SER A 171 -6.30 9.07 16.67
N PRO A 172 -5.12 9.73 16.83
CA PRO A 172 -5.07 11.04 17.51
C PRO A 172 -5.73 12.22 16.75
N ASP A 173 -5.94 12.06 15.42
CA ASP A 173 -6.51 13.06 14.55
C ASP A 173 -8.07 13.13 14.56
N ARG A 174 -8.76 12.42 15.45
CA ARG A 174 -10.23 12.50 15.51
C ARG A 174 -10.75 13.88 16.00
N GLN A 175 -12.00 14.25 15.60
CA GLN A 175 -12.69 15.47 16.03
C GLN A 175 -12.90 15.38 17.54
N TYR A 176 -12.69 16.50 18.26
CA TYR A 176 -12.87 16.67 19.71
C TYR A 176 -11.77 16.05 20.59
N ILE A 177 -10.62 15.70 20.00
CA ILE A 177 -9.55 15.16 20.84
C ILE A 177 -8.78 16.32 21.51
N LYS A 178 -8.94 16.47 22.86
CA LYS A 178 -8.23 17.47 23.64
C LYS A 178 -6.74 17.08 23.67
N ASP A 179 -6.40 15.96 24.34
CA ASP A 179 -5.02 15.47 24.43
C ASP A 179 -4.66 14.51 23.28
N ARG A 180 -4.16 15.07 22.18
CA ARG A 180 -3.76 14.34 20.98
C ARG A 180 -2.49 13.52 21.18
N GLU A 181 -1.48 14.10 21.89
CA GLU A 181 -0.19 13.45 22.16
C GLU A 181 -0.34 12.22 23.07
N ALA A 182 -1.33 12.22 23.96
CA ALA A 182 -1.62 11.08 24.82
C ALA A 182 -2.11 9.92 23.95
N VAL A 183 -2.98 10.19 22.93
CA VAL A 183 -3.51 9.18 22.01
C VAL A 183 -2.37 8.65 21.11
N GLU A 184 -1.51 9.56 20.61
CA GLU A 184 -0.34 9.23 19.79
C GLU A 184 0.63 8.31 20.57
N LYS A 185 0.81 8.56 21.88
CA LYS A 185 1.67 7.73 22.75
C LYS A 185 1.18 6.27 22.84
N LEU A 186 -0.15 6.09 22.85
CA LEU A 186 -0.79 4.76 22.89
C LEU A 186 -0.71 4.03 21.54
N GLN A 187 -0.90 4.79 20.43
CA GLN A 187 -0.89 4.26 19.06
C GLN A 187 0.48 3.83 18.57
N GLU A 188 1.54 4.62 18.83
CA GLU A 188 2.92 4.37 18.38
C GLU A 188 3.46 2.94 18.65
N PRO A 189 3.36 2.35 19.89
CA PRO A 189 3.87 0.99 20.10
C PRO A 189 3.13 -0.11 19.31
N LEU A 190 1.81 0.11 19.05
CA LEU A 190 0.99 -0.79 18.24
C LEU A 190 1.46 -0.77 16.77
N LEU A 191 1.82 0.43 16.26
CA LEU A 191 2.35 0.57 14.90
C LEU A 191 3.69 -0.12 14.76
N ASP A 192 4.52 -0.13 15.84
CA ASP A 192 5.84 -0.77 15.90
C ASP A 192 5.74 -2.28 15.77
N VAL A 193 4.87 -2.90 16.57
CA VAL A 193 4.60 -4.34 16.51
C VAL A 193 4.11 -4.71 15.09
N LEU A 194 3.12 -3.95 14.55
CA LEU A 194 2.58 -4.20 13.20
C LEU A 194 3.64 -4.13 12.11
N GLN A 195 4.55 -3.15 12.19
CA GLN A 195 5.62 -3.01 11.22
C GLN A 195 6.54 -4.25 11.23
N LYS A 196 6.85 -4.80 12.44
CA LYS A 196 7.68 -5.99 12.60
C LYS A 196 6.97 -7.23 12.05
N LEU A 197 5.65 -7.42 12.40
CA LEU A 197 4.79 -8.53 11.90
C LEU A 197 4.69 -8.58 10.38
N CYS A 198 4.78 -7.43 9.72
CA CYS A 198 4.71 -7.35 8.26
C CYS A 198 5.98 -7.92 7.57
N LYS A 199 7.14 -7.68 8.15
CA LYS A 199 8.41 -8.23 7.59
C LYS A 199 8.45 -9.74 7.85
N ILE A 200 8.29 -10.14 9.11
CA ILE A 200 8.38 -11.56 9.57
C ILE A 200 7.42 -12.47 8.79
N HIS A 201 6.22 -12.00 8.44
CA HIS A 201 5.27 -12.86 7.75
C HIS A 201 5.28 -12.70 6.22
N GLN A 202 5.80 -11.57 5.71
CA GLN A 202 5.87 -11.29 4.28
C GLN A 202 7.24 -10.65 3.90
N PRO A 203 8.40 -11.35 3.99
CA PRO A 203 9.67 -10.70 3.60
C PRO A 203 9.87 -10.52 2.08
N GLU A 204 9.05 -11.22 1.26
CA GLU A 204 9.07 -11.14 -0.20
C GLU A 204 8.54 -9.78 -0.70
N ASN A 205 7.44 -9.27 -0.07
CA ASN A 205 6.80 -7.99 -0.35
C ASN A 205 7.20 -7.01 0.76
N PRO A 206 8.30 -6.23 0.58
CA PRO A 206 8.72 -5.30 1.66
C PRO A 206 7.79 -4.10 1.87
N GLN A 207 6.80 -3.94 0.96
CA GLN A 207 5.80 -2.87 1.00
C GLN A 207 4.49 -3.26 1.69
N HIS A 208 4.41 -4.51 2.22
CA HIS A 208 3.21 -5.03 2.88
C HIS A 208 2.63 -4.05 3.92
N PHE A 209 3.49 -3.48 4.80
CA PHE A 209 3.10 -2.51 5.81
C PHE A 209 2.54 -1.20 5.20
N ALA A 210 3.21 -0.67 4.15
CA ALA A 210 2.79 0.52 3.40
C ALA A 210 1.42 0.27 2.76
N CYS A 211 1.18 -0.96 2.25
CA CYS A 211 -0.10 -1.40 1.67
C CYS A 211 -1.21 -1.43 2.72
N LEU A 212 -0.89 -1.86 3.97
CA LEU A 212 -1.84 -1.91 5.09
C LEU A 212 -2.26 -0.49 5.46
N LEU A 213 -1.29 0.44 5.62
CA LEU A 213 -1.58 1.86 5.91
C LEU A 213 -2.30 2.52 4.74
N GLY A 214 -1.98 2.11 3.51
CA GLY A 214 -2.61 2.57 2.27
C GLY A 214 -4.08 2.23 2.18
N ARG A 215 -4.46 1.09 2.79
CA ARG A 215 -5.84 0.61 2.89
C ARG A 215 -6.68 1.44 3.89
N LEU A 216 -6.04 2.20 4.84
CA LEU A 216 -6.70 3.06 5.83
C LEU A 216 -7.29 4.33 5.19
N THR A 217 -6.72 4.78 4.06
CA THR A 217 -7.17 5.93 3.30
C THR A 217 -8.52 5.58 2.68
N GLU A 218 -8.63 4.36 2.13
CA GLU A 218 -9.86 3.82 1.55
C GLU A 218 -10.88 3.61 2.68
N LEU A 219 -10.41 3.19 3.87
CA LEU A 219 -11.25 2.94 5.04
C LEU A 219 -11.88 4.22 5.57
N ARG A 220 -11.16 5.38 5.47
CA ARG A 220 -11.66 6.66 5.95
C ARG A 220 -12.84 7.20 5.13
N THR A 221 -12.98 6.77 3.86
CA THR A 221 -14.10 7.23 3.03
C THR A 221 -15.46 6.73 3.53
N PHE A 222 -15.48 5.59 4.25
CA PHE A 222 -16.71 5.00 4.80
C PHE A 222 -17.44 5.90 5.77
N ASN A 223 -16.76 6.91 6.40
CA ASN A 223 -17.40 7.86 7.32
C ASN A 223 -18.46 8.68 6.57
N HIS A 224 -18.10 9.18 5.38
CA HIS A 224 -18.97 9.94 4.49
C HIS A 224 -20.08 9.03 3.96
N HIS A 225 -19.75 7.85 3.42
CA HIS A 225 -20.72 6.90 2.89
C HIS A 225 -21.75 6.45 3.93
N HIS A 226 -21.31 6.18 5.17
CA HIS A 226 -22.19 5.73 6.24
C HIS A 226 -23.18 6.81 6.63
N ALA A 227 -22.70 8.06 6.79
CA ALA A 227 -23.50 9.25 7.10
C ALA A 227 -24.63 9.44 6.07
N GLU A 228 -24.36 9.19 4.77
CA GLU A 228 -25.34 9.27 3.67
C GLU A 228 -26.40 8.22 3.88
N MET A 229 -25.96 6.97 4.10
CA MET A 229 -26.79 5.80 4.35
C MET A 229 -27.71 6.03 5.57
N LEU A 230 -27.24 6.77 6.58
CA LEU A 230 -28.00 7.06 7.80
C LEU A 230 -29.17 8.03 7.57
N MET A 231 -28.97 9.09 6.76
CA MET A 231 -30.02 10.08 6.40
C MET A 231 -31.15 9.39 5.60
N SER A 232 -30.78 8.42 4.73
CA SER A 232 -31.72 7.63 3.94
C SER A 232 -32.51 6.65 4.84
N TRP A 233 -31.86 6.13 5.90
CA TRP A 233 -32.43 5.18 6.86
C TRP A 233 -33.61 5.80 7.64
N ARG A 234 -33.44 7.04 8.15
CA ARG A 234 -34.46 7.77 8.92
C ARG A 234 -35.66 8.25 8.08
N VAL A 235 -35.45 8.54 6.77
CA VAL A 235 -36.53 9.00 5.88
C VAL A 235 -37.31 7.82 5.27
N ASN A 236 -36.66 6.64 5.13
CA ASN A 236 -37.27 5.40 4.64
C ASN A 236 -38.01 4.68 5.80
N ASP A 237 -38.16 5.42 6.93
CA ASP A 237 -38.83 5.05 8.19
C ASP A 237 -38.29 3.73 8.80
N HIS A 238 -36.95 3.60 8.88
CA HIS A 238 -36.33 2.42 9.50
C HIS A 238 -35.95 2.77 10.94
N LYS A 239 -36.06 1.78 11.83
CA LYS A 239 -35.78 1.96 13.26
C LYS A 239 -34.29 1.99 13.59
N PHE A 240 -33.92 2.80 14.61
CA PHE A 240 -32.59 2.93 15.18
C PHE A 240 -32.67 2.59 16.66
N THR A 241 -31.71 1.80 17.13
CA THR A 241 -31.66 1.41 18.53
C THR A 241 -31.02 2.56 19.34
N PRO A 242 -31.32 2.73 20.66
CA PRO A 242 -30.71 3.83 21.42
C PRO A 242 -29.18 3.92 21.38
N LEU A 243 -28.48 2.77 21.24
CA LEU A 243 -27.01 2.69 21.16
C LEU A 243 -26.48 3.32 19.85
N LEU A 244 -27.13 2.98 18.71
CA LEU A 244 -26.81 3.52 17.39
C LEU A 244 -27.03 5.04 17.30
N CYS A 245 -28.09 5.56 17.97
CA CYS A 245 -28.45 6.98 18.06
C CYS A 245 -27.37 7.73 18.81
N GLU A 246 -26.87 7.12 19.90
CA GLU A 246 -25.87 7.68 20.77
C GLU A 246 -24.45 7.78 20.16
N ILE A 247 -24.01 6.74 19.43
CA ILE A 247 -22.68 6.65 18.82
C ILE A 247 -22.57 7.48 17.51
N TRP A 248 -23.70 7.70 16.79
CA TRP A 248 -23.71 8.40 15.52
C TRP A 248 -24.54 9.71 15.46
N ASP A 249 -25.17 10.11 16.59
CA ASP A 249 -26.02 11.31 16.69
C ASP A 249 -27.09 11.36 15.57
N VAL A 250 -28.11 10.48 15.66
CA VAL A 250 -29.19 10.38 14.66
C VAL A 250 -30.58 10.44 15.29
N MET B 22 -2.21 15.96 7.69
CA MET B 22 -2.90 15.84 6.40
C MET B 22 -1.99 16.32 5.26
N GLU B 23 -1.47 17.56 5.40
CA GLU B 23 -0.56 18.19 4.45
C GLU B 23 0.86 17.65 4.66
N LEU B 24 1.74 17.94 3.70
CA LEU B 24 3.15 17.56 3.74
C LEU B 24 3.86 18.39 4.84
N THR B 25 4.60 17.72 5.76
CA THR B 25 5.37 18.35 6.84
C THR B 25 6.57 19.08 6.22
N PRO B 26 7.28 20.02 6.90
CA PRO B 26 8.42 20.69 6.25
C PRO B 26 9.58 19.76 5.88
N ASP B 27 9.80 18.68 6.66
CA ASP B 27 10.81 17.64 6.36
C ASP B 27 10.44 16.89 5.07
N GLN B 28 9.14 16.58 4.91
CA GLN B 28 8.57 15.88 3.76
C GLN B 28 8.74 16.69 2.50
N GLN B 29 8.53 18.00 2.61
CA GLN B 29 8.70 18.97 1.49
C GLN B 29 10.17 19.02 1.09
N THR B 30 11.08 18.99 2.07
CA THR B 30 12.51 19.05 1.75
C THR B 30 12.90 17.77 0.97
N LEU B 31 12.42 16.62 1.49
CA LEU B 31 12.62 15.30 0.91
C LEU B 31 12.08 15.28 -0.52
N LEU B 32 10.80 15.69 -0.70
CA LEU B 32 10.17 15.79 -2.02
C LEU B 32 10.97 16.65 -3.01
N HIS B 33 11.34 17.85 -2.57
CA HIS B 33 12.08 18.83 -3.37
C HIS B 33 13.42 18.30 -3.88
N PHE B 34 14.17 17.57 -3.02
CA PHE B 34 15.47 16.98 -3.31
C PHE B 34 15.38 15.92 -4.38
N ILE B 35 14.76 15.25 -4.48
CA ILE B 35 14.11 14.31 -5.38
C ILE B 35 13.47 15.08 -6.53
N MET B 36 12.71 15.59 -6.57
CA MET B 36 12.22 16.26 -7.78
C MET B 36 13.32 16.96 -8.56
N ASP B 37 14.24 17.68 -7.88
CA ASP B 37 15.38 18.34 -8.52
C ASP B 37 16.35 17.33 -9.16
N SER B 38 16.51 16.17 -8.50
CA SER B 38 17.33 15.06 -8.99
C SER B 38 16.64 14.38 -10.17
N TYR B 39 15.31 14.23 -10.08
CA TYR B 39 14.51 13.61 -11.12
C TYR B 39 14.48 14.41 -12.40
N ASN B 40 14.36 15.74 -12.30
CA ASN B 40 14.29 16.62 -13.48
C ASN B 40 15.61 16.76 -14.23
N LYS B 41 16.74 16.64 -13.52
CA LYS B 41 18.09 16.69 -14.10
C LYS B 41 18.40 15.41 -14.91
N GLN B 42 17.50 14.39 -14.84
CA GLN B 42 17.62 13.10 -15.52
C GLN B 42 16.72 13.05 -16.75
N ARG B 43 17.30 13.42 -17.91
CA ARG B 43 16.60 13.42 -19.20
C ARG B 43 17.44 12.73 -20.27
N ILE B 52 16.45 8.63 -29.45
CA ILE B 52 15.21 8.92 -30.19
C ILE B 52 15.36 8.69 -31.72
N LEU B 53 16.31 7.81 -32.14
CA LEU B 53 16.59 7.48 -33.54
C LEU B 53 15.73 6.31 -34.09
N LYS B 54 14.40 6.52 -34.14
CA LYS B 54 13.43 5.55 -34.69
C LYS B 54 13.30 5.83 -36.20
N GLU B 55 14.38 5.53 -36.94
CA GLU B 55 14.57 5.72 -38.39
C GLU B 55 15.77 4.91 -38.88
N ALA B 56 15.75 4.50 -40.17
CA ALA B 56 16.80 3.77 -40.88
C ALA B 56 17.52 2.69 -40.06
N PHE B 57 16.76 1.73 -39.51
CA PHE B 57 17.27 0.61 -38.73
C PHE B 57 18.06 -0.38 -39.62
N SER B 58 18.74 -1.39 -39.01
CA SER B 58 19.52 -2.40 -39.75
C SER B 58 19.35 -3.82 -39.13
N ALA B 59 20.28 -4.77 -39.39
CA ALA B 59 20.23 -6.17 -38.91
C ALA B 59 20.77 -6.35 -37.48
N GLU B 60 22.09 -6.13 -37.29
CA GLU B 60 22.79 -6.23 -36.00
C GLU B 60 22.91 -4.85 -35.34
N GLU B 61 22.62 -3.76 -36.11
CA GLU B 61 22.62 -2.40 -35.60
C GLU B 61 21.51 -2.24 -34.54
N ASN B 62 20.40 -3.02 -34.70
CA ASN B 62 19.25 -3.10 -33.78
C ASN B 62 19.71 -3.57 -32.40
N PHE B 63 20.48 -4.68 -32.34
CA PHE B 63 21.02 -5.26 -31.11
C PHE B 63 22.04 -4.34 -30.42
N LEU B 64 22.61 -3.37 -31.18
CA LEU B 64 23.56 -2.37 -30.68
C LEU B 64 22.81 -1.19 -30.05
N ILE B 65 21.68 -0.74 -30.67
CA ILE B 65 20.82 0.35 -30.18
C ILE B 65 20.23 -0.05 -28.81
N LEU B 66 19.79 -1.31 -28.70
CA LEU B 66 19.22 -1.92 -27.51
C LEU B 66 20.22 -1.90 -26.35
N THR B 67 21.50 -2.13 -26.66
CA THR B 67 22.60 -2.12 -25.68
C THR B 67 22.85 -0.68 -25.21
N GLU B 68 22.82 0.30 -26.15
CA GLU B 68 23.01 1.70 -25.81
C GLU B 68 21.86 2.20 -24.90
N MET B 69 20.61 1.86 -25.25
CA MET B 69 19.38 2.19 -24.50
C MET B 69 19.46 1.73 -23.05
N ALA B 70 19.85 0.47 -22.85
CA ALA B 70 20.02 -0.16 -21.53
C ALA B 70 21.13 0.51 -20.73
N THR B 71 22.27 0.79 -21.38
CA THR B 71 23.45 1.43 -20.75
C THR B 71 23.12 2.83 -20.29
N ASN B 72 22.31 3.55 -21.08
CA ASN B 72 21.86 4.90 -20.82
C ASN B 72 20.85 4.98 -19.66
N HIS B 73 19.89 4.02 -19.54
CA HIS B 73 18.95 3.90 -18.41
C HIS B 73 19.77 3.73 -17.14
N VAL B 74 20.67 2.72 -17.12
CA VAL B 74 21.56 2.41 -16.00
C VAL B 74 22.32 3.65 -15.58
N GLN B 75 22.93 4.36 -16.54
CA GLN B 75 23.70 5.55 -16.21
C GLN B 75 22.87 6.60 -15.55
N VAL B 76 21.73 6.94 -16.16
CA VAL B 76 20.76 7.92 -15.65
C VAL B 76 20.27 7.53 -14.21
N LEU B 77 20.04 6.25 -13.99
CA LEU B 77 19.65 5.65 -12.70
C LEU B 77 20.71 5.80 -11.64
N VAL B 78 21.99 5.73 -12.01
CA VAL B 78 23.11 5.93 -11.08
C VAL B 78 23.19 7.40 -10.68
N GLU B 79 23.06 8.33 -11.64
CA GLU B 79 23.07 9.79 -11.40
C GLU B 79 21.94 10.21 -10.45
N PHE B 80 20.73 9.66 -10.67
CA PHE B 80 19.55 9.88 -9.85
C PHE B 80 19.75 9.39 -8.40
N THR B 81 20.20 8.11 -8.24
CA THR B 81 20.41 7.40 -6.96
C THR B 81 21.39 8.15 -6.02
N LYS B 82 22.54 8.53 -6.59
CA LYS B 82 23.64 9.30 -6.03
C LYS B 82 23.09 10.47 -5.23
N LYS B 83 22.13 11.21 -5.83
CA LYS B 83 21.51 12.39 -5.23
C LYS B 83 20.34 12.11 -4.29
N LEU B 84 19.94 10.84 -4.11
CA LEU B 84 18.83 10.52 -3.19
C LEU B 84 19.24 10.81 -1.76
N PRO B 85 18.41 11.54 -0.98
CA PRO B 85 18.79 11.84 0.41
C PRO B 85 19.15 10.59 1.23
N GLY B 86 20.33 10.66 1.84
CA GLY B 86 20.87 9.62 2.68
C GLY B 86 21.67 8.53 1.99
N PHE B 87 21.53 8.41 0.67
CA PHE B 87 22.23 7.40 -0.10
C PHE B 87 23.75 7.47 0.08
N GLN B 88 24.33 8.68 0.06
CA GLN B 88 25.78 8.84 0.22
C GLN B 88 26.28 8.47 1.64
N THR B 89 25.35 8.31 2.63
CA THR B 89 25.63 7.92 4.03
C THR B 89 25.68 6.41 4.19
N LEU B 90 25.39 5.67 3.10
CA LEU B 90 25.37 4.21 3.15
C LEU B 90 26.74 3.68 2.88
N ASP B 91 26.97 2.45 3.37
CA ASP B 91 28.20 1.70 3.18
C ASP B 91 28.40 1.53 1.68
N HIS B 92 29.62 1.74 1.20
CA HIS B 92 29.96 1.67 -0.21
C HIS B 92 29.53 0.36 -0.91
N GLU B 93 29.62 -0.79 -0.20
CA GLU B 93 29.23 -2.10 -0.75
C GLU B 93 27.70 -2.21 -0.88
N ASP B 94 26.98 -1.67 0.12
CA ASP B 94 25.52 -1.62 0.16
C ASP B 94 24.96 -0.75 -0.99
N GLN B 95 25.65 0.35 -1.32
CA GLN B 95 25.30 1.25 -2.43
C GLN B 95 25.36 0.47 -3.77
N ILE B 96 26.40 -0.33 -3.94
CA ILE B 96 26.62 -1.15 -5.14
C ILE B 96 25.55 -2.23 -5.26
N ALA B 97 25.22 -2.89 -4.12
CA ALA B 97 24.19 -3.94 -4.01
C ALA B 97 22.80 -3.39 -4.38
N LEU B 98 22.44 -2.21 -3.88
CA LEU B 98 21.17 -1.54 -4.18
C LEU B 98 21.06 -1.24 -5.68
N LEU B 99 22.12 -0.66 -6.27
CA LEU B 99 22.21 -0.35 -7.70
C LEU B 99 22.08 -1.59 -8.55
N LYS B 100 22.80 -2.66 -8.19
CA LYS B 100 22.80 -3.93 -8.93
C LYS B 100 21.47 -4.63 -8.81
N GLY B 101 20.91 -4.63 -7.60
CA GLY B 101 19.62 -5.24 -7.35
C GLY B 101 18.39 -4.53 -7.90
N SER B 102 18.45 -3.18 -8.09
CA SER B 102 17.33 -2.36 -8.53
CA SER B 102 17.31 -2.39 -8.52
C SER B 102 17.33 -1.92 -10.01
N ALA B 103 18.47 -2.12 -10.70
CA ALA B 103 18.66 -1.70 -12.10
C ALA B 103 17.53 -2.13 -13.06
N VAL B 104 17.12 -3.39 -13.04
CA VAL B 104 16.09 -3.93 -13.91
C VAL B 104 14.74 -3.23 -13.66
N GLU B 105 14.28 -3.25 -12.39
CA GLU B 105 13.01 -2.65 -11.95
C GLU B 105 12.97 -1.13 -12.17
N ALA B 106 14.09 -0.42 -11.89
CA ALA B 106 14.17 1.03 -12.11
C ALA B 106 14.14 1.39 -13.63
N MET B 107 14.76 0.53 -14.46
CA MET B 107 14.78 0.64 -15.91
C MET B 107 13.38 0.40 -16.53
N PHE B 108 12.60 -0.60 -16.03
CA PHE B 108 11.25 -0.82 -16.55
C PHE B 108 10.30 0.28 -16.11
N LEU B 109 10.49 0.85 -14.91
CA LEU B 109 9.69 1.96 -14.39
C LEU B 109 9.95 3.21 -15.21
N ARG B 110 11.25 3.45 -15.52
CA ARG B 110 11.73 4.58 -16.33
C ARG B 110 11.18 4.51 -17.74
N SER B 111 11.32 3.34 -18.40
CA SER B 111 10.85 3.15 -19.76
C SER B 111 9.32 3.20 -19.85
N ALA B 112 8.62 2.68 -18.81
CA ALA B 112 7.14 2.74 -18.69
C ALA B 112 6.65 4.17 -18.74
N GLU B 113 7.31 5.08 -18.02
CA GLU B 113 7.01 6.50 -17.97
C GLU B 113 7.17 7.16 -19.35
N ILE B 114 8.34 6.94 -20.01
CA ILE B 114 8.65 7.48 -21.33
C ILE B 114 7.58 7.05 -22.33
N PHE B 115 7.18 5.79 -22.28
CA PHE B 115 6.15 5.21 -23.12
C PHE B 115 4.71 5.76 -22.87
N ASN B 116 4.41 6.24 -21.66
CA ASN B 116 3.10 6.78 -21.28
C ASN B 116 3.03 8.33 -21.35
N LYS B 117 4.14 9.01 -21.06
CA LYS B 117 4.15 10.46 -20.97
C LYS B 117 4.98 11.14 -22.03
N LYS B 118 6.09 10.52 -22.42
CA LYS B 118 7.09 11.10 -23.29
C LYS B 118 7.16 10.54 -24.75
N LEU B 119 6.06 9.94 -25.29
CA LEU B 119 6.13 9.44 -26.67
C LEU B 119 5.13 10.09 -27.63
N PRO B 120 5.55 10.54 -28.86
CA PRO B 120 4.58 11.14 -29.81
C PRO B 120 3.59 10.12 -30.39
N SER B 121 2.53 10.63 -31.02
CA SER B 121 1.43 9.86 -31.61
C SER B 121 1.91 8.86 -32.66
N GLY B 122 1.58 7.58 -32.43
CA GLY B 122 1.93 6.48 -33.32
C GLY B 122 3.24 5.77 -33.03
N HIS B 123 4.19 6.51 -32.41
CA HIS B 123 5.54 6.05 -32.05
C HIS B 123 5.57 4.93 -31.00
N SER B 124 4.50 4.79 -30.20
CA SER B 124 4.38 3.75 -29.16
C SER B 124 4.13 2.37 -29.79
N ASP B 125 3.09 2.29 -30.65
CA ASP B 125 2.71 1.08 -31.37
C ASP B 125 3.77 0.73 -32.44
N LEU B 126 4.57 1.73 -32.85
CA LEU B 126 5.69 1.60 -33.78
C LEU B 126 6.87 0.92 -33.07
N LEU B 127 7.17 1.36 -31.82
CA LEU B 127 8.26 0.86 -30.99
C LEU B 127 8.05 -0.62 -30.59
N GLU B 128 6.77 -1.02 -30.31
CA GLU B 128 6.37 -2.38 -29.98
C GLU B 128 6.63 -3.32 -31.15
N ALA B 129 6.21 -2.91 -32.35
CA ALA B 129 6.40 -3.67 -33.58
C ALA B 129 7.89 -3.82 -33.88
N ARG B 130 8.66 -2.71 -33.79
CA ARG B 130 10.10 -2.68 -34.05
C ARG B 130 10.89 -3.64 -33.15
N ILE B 131 10.57 -3.71 -31.85
CA ILE B 131 11.25 -4.61 -30.91
C ILE B 131 10.83 -6.09 -31.14
N ARG B 132 9.55 -6.33 -31.54
CA ARG B 132 9.05 -7.68 -31.83
C ARG B 132 9.78 -8.31 -33.03
N ASN B 133 9.95 -7.52 -34.12
CA ASN B 133 10.62 -7.91 -35.36
C ASN B 133 12.18 -8.01 -35.25
N SER B 134 12.79 -7.37 -34.23
CA SER B 134 14.24 -7.28 -34.00
C SER B 134 14.98 -8.61 -33.76
N GLY B 135 14.44 -9.41 -32.85
CA GLY B 135 15.03 -10.69 -32.44
C GLY B 135 14.43 -11.23 -31.14
N ILE B 136 14.38 -10.38 -30.08
CA ILE B 136 13.88 -10.61 -28.72
C ILE B 136 12.57 -11.44 -28.66
N SER B 137 12.48 -12.34 -27.65
CA SER B 137 11.37 -13.24 -27.37
C SER B 137 10.04 -12.56 -27.02
N ASP B 138 8.91 -13.19 -27.40
CA ASP B 138 7.54 -12.76 -27.10
C ASP B 138 7.31 -12.91 -25.58
N GLU B 139 8.02 -13.88 -24.95
CA GLU B 139 7.98 -14.13 -23.51
C GLU B 139 8.53 -12.91 -22.72
N TYR B 140 9.36 -12.07 -23.38
CA TYR B 140 9.95 -10.87 -22.81
C TYR B 140 9.09 -9.63 -23.16
N ILE B 141 8.66 -9.48 -24.45
CA ILE B 141 7.86 -8.36 -24.99
C ILE B 141 6.45 -8.28 -24.39
N THR B 142 5.68 -9.39 -24.41
CA THR B 142 4.28 -9.43 -23.92
C THR B 142 4.17 -8.89 -22.47
N PRO B 143 4.95 -9.39 -21.45
CA PRO B 143 4.79 -8.83 -20.08
C PRO B 143 5.22 -7.36 -19.99
N MET B 144 6.19 -6.99 -20.82
CA MET B 144 6.75 -5.62 -20.90
C MET B 144 5.63 -4.63 -21.24
N PHE B 145 4.91 -4.86 -22.33
CA PHE B 145 3.83 -3.98 -22.80
C PHE B 145 2.57 -4.10 -21.94
N SER B 146 2.38 -5.27 -21.29
CA SER B 146 1.27 -5.45 -20.35
C SER B 146 1.48 -4.51 -19.14
N PHE B 147 2.74 -4.45 -18.62
CA PHE B 147 3.12 -3.55 -17.54
C PHE B 147 2.94 -2.10 -17.94
N TYR B 148 3.39 -1.71 -19.14
CA TYR B 148 3.24 -0.34 -19.68
C TYR B 148 1.76 0.13 -19.73
N LYS B 149 0.85 -0.78 -20.19
CA LYS B 149 -0.61 -0.53 -20.26
C LYS B 149 -1.16 -0.41 -18.85
N SER B 150 -0.76 -1.35 -17.96
CA SER B 150 -1.17 -1.41 -16.56
C SER B 150 -0.78 -0.16 -15.77
N ILE B 151 0.48 0.27 -15.86
CA ILE B 151 0.94 1.45 -15.13
C ILE B 151 0.40 2.76 -15.78
N GLY B 152 0.16 2.72 -17.10
CA GLY B 152 -0.41 3.84 -17.85
C GLY B 152 -1.82 4.21 -17.43
N GLU B 153 -2.62 3.18 -17.05
CA GLU B 153 -4.00 3.31 -16.56
C GLU B 153 -4.10 4.18 -15.30
N LEU B 154 -3.02 4.25 -14.50
CA LEU B 154 -2.96 4.99 -13.22
C LEU B 154 -2.91 6.52 -13.37
N LYS B 155 -2.61 7.03 -14.60
CA LYS B 155 -2.51 8.49 -14.89
C LYS B 155 -1.65 9.18 -13.83
N MET B 156 -0.44 8.65 -13.65
CA MET B 156 0.50 9.08 -12.64
C MET B 156 1.12 10.40 -12.95
N THR B 157 1.33 11.23 -11.92
CA THR B 157 2.02 12.50 -12.07
C THR B 157 3.54 12.24 -12.09
N GLN B 158 4.34 13.25 -12.45
CA GLN B 158 5.80 13.19 -12.51
C GLN B 158 6.38 12.98 -11.09
N GLU B 159 5.67 13.49 -10.05
CA GLU B 159 6.04 13.35 -8.64
C GLU B 159 5.88 11.91 -8.19
N GLU B 160 4.84 11.24 -8.69
CA GLU B 160 4.56 9.86 -8.40
C GLU B 160 5.60 8.95 -9.01
N TYR B 161 5.95 9.17 -10.30
CA TYR B 161 6.98 8.43 -10.99
C TYR B 161 8.32 8.57 -10.25
N ALA B 162 8.69 9.79 -9.85
CA ALA B 162 9.95 10.08 -9.15
C ALA B 162 10.03 9.35 -7.80
N LEU B 163 8.95 9.41 -6.99
CA LEU B 163 8.92 8.77 -5.69
C LEU B 163 8.92 7.25 -5.79
N LEU B 164 8.08 6.70 -6.70
CA LEU B 164 8.03 5.27 -6.92
C LEU B 164 9.38 4.73 -7.41
N THR B 165 10.14 5.51 -8.24
CA THR B 165 11.47 5.11 -8.70
C THR B 165 12.46 5.05 -7.51
N ALA B 166 12.47 6.10 -6.67
CA ALA B 166 13.31 6.18 -5.48
C ALA B 166 12.98 5.07 -4.46
N ILE B 167 11.68 4.64 -4.38
CA ILE B 167 11.20 3.59 -3.47
C ILE B 167 11.73 2.24 -3.94
N VAL B 168 11.68 2.00 -5.28
CA VAL B 168 12.14 0.78 -5.95
C VAL B 168 13.64 0.64 -5.75
N ILE B 169 14.40 1.75 -5.88
CA ILE B 169 15.85 1.76 -5.70
C ILE B 169 16.25 1.51 -4.26
N LEU B 170 15.54 2.14 -3.31
CA LEU B 170 15.84 2.02 -1.89
C LEU B 170 15.12 0.87 -1.24
N SER B 171 15.16 -0.30 -1.88
N SER B 171 15.16 -0.30 -1.88
CA SER B 171 14.55 -1.54 -1.39
CA SER B 171 14.55 -1.53 -1.41
C SER B 171 15.50 -2.23 -0.39
C SER B 171 15.50 -2.23 -0.39
N PRO B 172 15.14 -2.32 0.91
CA PRO B 172 16.04 -3.00 1.87
C PRO B 172 16.16 -4.54 1.73
N ASP B 173 15.23 -5.16 0.99
CA ASP B 173 15.17 -6.60 0.78
C ASP B 173 16.08 -7.11 -0.37
N ARG B 174 16.94 -6.24 -0.95
CA ARG B 174 17.87 -6.69 -2.00
C ARG B 174 18.95 -7.66 -1.47
N GLN B 175 19.40 -8.55 -2.35
CA GLN B 175 20.43 -9.54 -2.08
C GLN B 175 21.73 -8.78 -1.80
N TYR B 176 22.49 -9.25 -0.78
CA TYR B 176 23.80 -8.72 -0.37
C TYR B 176 23.76 -7.39 0.41
N ILE B 177 22.58 -6.88 0.78
CA ILE B 177 22.54 -5.68 1.62
C ILE B 177 22.83 -6.12 3.08
N LYS B 178 23.99 -5.67 3.62
CA LYS B 178 24.46 -5.89 4.98
C LYS B 178 23.56 -5.13 5.95
N ASP B 179 23.56 -3.77 5.88
CA ASP B 179 22.71 -2.92 6.73
C ASP B 179 21.33 -2.63 6.07
N ARG B 180 20.38 -3.52 6.33
CA ARG B 180 19.02 -3.43 5.83
C ARG B 180 18.21 -2.30 6.48
N GLU B 181 18.37 -2.09 7.81
CA GLU B 181 17.65 -1.05 8.57
C GLU B 181 18.05 0.35 8.13
N ALA B 182 19.31 0.52 7.68
CA ALA B 182 19.76 1.81 7.18
C ALA B 182 18.98 2.17 5.89
N VAL B 183 18.78 1.17 4.99
CA VAL B 183 18.05 1.32 3.73
C VAL B 183 16.55 1.57 4.01
N GLU B 184 15.99 0.82 4.98
CA GLU B 184 14.60 0.92 5.41
C GLU B 184 14.32 2.33 5.98
N LYS B 185 15.29 2.91 6.73
CA LYS B 185 15.18 4.26 7.28
C LYS B 185 15.03 5.30 6.18
N LEU B 186 15.74 5.12 5.04
CA LEU B 186 15.69 6.04 3.88
C LEU B 186 14.41 5.85 3.10
N GLN B 187 13.92 4.60 2.94
CA GLN B 187 12.72 4.28 2.16
C GLN B 187 11.41 4.68 2.81
N GLU B 188 11.24 4.44 4.12
CA GLU B 188 10.02 4.73 4.89
C GLU B 188 9.43 6.16 4.69
N PRO B 189 10.24 7.27 4.81
CA PRO B 189 9.67 8.60 4.62
C PRO B 189 9.21 8.84 3.19
N LEU B 190 9.85 8.21 2.16
CA LEU B 190 9.45 8.32 0.76
C LEU B 190 8.07 7.70 0.55
N LEU B 191 7.79 6.57 1.22
CA LEU B 191 6.48 5.91 1.16
C LEU B 191 5.37 6.78 1.79
N ASP B 192 5.74 7.52 2.85
CA ASP B 192 4.85 8.40 3.60
C ASP B 192 4.42 9.62 2.75
N VAL B 193 5.39 10.29 2.11
CA VAL B 193 5.18 11.41 1.20
C VAL B 193 4.27 10.94 0.04
N LEU B 194 4.59 9.77 -0.59
CA LEU B 194 3.79 9.23 -1.69
C LEU B 194 2.36 8.99 -1.28
N GLN B 195 2.12 8.47 -0.08
CA GLN B 195 0.77 8.24 0.40
C GLN B 195 -0.01 9.57 0.50
N LYS B 196 0.63 10.67 1.00
CA LYS B 196 0.04 12.02 1.12
C LYS B 196 -0.29 12.59 -0.25
N LEU B 197 0.68 12.58 -1.20
CA LEU B 197 0.49 13.05 -2.56
C LEU B 197 -0.62 12.30 -3.33
N CYS B 198 -0.89 11.02 -3.02
CA CYS B 198 -1.95 10.26 -3.69
C CYS B 198 -3.34 10.76 -3.29
N LYS B 199 -3.49 11.19 -2.01
CA LYS B 199 -4.74 11.74 -1.44
C LYS B 199 -5.01 13.10 -2.08
N ILE B 200 -4.03 14.03 -1.96
CA ILE B 200 -4.02 15.42 -2.42
C ILE B 200 -4.33 15.56 -3.92
N HIS B 201 -3.82 14.64 -4.76
CA HIS B 201 -4.02 14.75 -6.22
C HIS B 201 -5.15 13.88 -6.75
N GLN B 202 -5.56 12.84 -6.01
CA GLN B 202 -6.64 11.94 -6.40
C GLN B 202 -7.56 11.62 -5.18
N PRO B 203 -8.34 12.57 -4.59
CA PRO B 203 -9.20 12.19 -3.45
C PRO B 203 -10.45 11.37 -3.83
N GLU B 204 -10.81 11.35 -5.14
CA GLU B 204 -11.94 10.60 -5.69
C GLU B 204 -11.68 9.08 -5.65
N ASN B 205 -10.42 8.66 -5.99
CA ASN B 205 -9.95 7.28 -6.01
C ASN B 205 -9.08 7.07 -4.75
N PRO B 206 -9.67 6.62 -3.62
CA PRO B 206 -8.85 6.42 -2.40
C PRO B 206 -7.88 5.24 -2.48
N GLN B 207 -7.99 4.41 -3.54
CA GLN B 207 -7.13 3.25 -3.80
C GLN B 207 -5.92 3.57 -4.69
N HIS B 208 -5.75 4.82 -5.15
CA HIS B 208 -4.66 5.22 -6.05
C HIS B 208 -3.29 4.74 -5.56
N PHE B 209 -2.98 5.00 -4.28
CA PHE B 209 -1.75 4.56 -3.62
C PHE B 209 -1.58 3.02 -3.59
N ALA B 210 -2.66 2.27 -3.23
CA ALA B 210 -2.70 0.81 -3.21
C ALA B 210 -2.42 0.24 -4.61
N CYS B 211 -2.95 0.92 -5.65
CA CYS B 211 -2.75 0.57 -7.06
C CYS B 211 -1.29 0.76 -7.48
N LEU B 212 -0.64 1.83 -6.97
CA LEU B 212 0.78 2.14 -7.24
C LEU B 212 1.66 1.04 -6.66
N LEU B 213 1.43 0.68 -5.38
CA LEU B 213 2.17 -0.41 -4.72
C LEU B 213 1.88 -1.76 -5.37
N GLY B 214 0.64 -1.95 -5.82
CA GLY B 214 0.20 -3.15 -6.52
C GLY B 214 0.94 -3.42 -7.81
N ARG B 215 1.43 -2.35 -8.49
CA ARG B 215 2.21 -2.42 -9.73
C ARG B 215 3.68 -2.78 -9.50
N LEU B 216 4.13 -2.73 -8.23
CA LEU B 216 5.49 -3.10 -7.89
C LEU B 216 5.68 -4.63 -7.88
N THR B 217 4.59 -5.37 -7.65
CA THR B 217 4.57 -6.84 -7.65
C THR B 217 4.78 -7.30 -9.09
N GLU B 218 4.09 -6.64 -10.05
CA GLU B 218 4.23 -6.91 -11.49
C GLU B 218 5.64 -6.51 -11.93
N LEU B 219 6.16 -5.42 -11.37
CA LEU B 219 7.50 -4.90 -11.68
C LEU B 219 8.62 -5.86 -11.25
N ARG B 220 8.41 -6.60 -10.12
CA ARG B 220 9.42 -7.55 -9.62
C ARG B 220 9.61 -8.77 -10.53
N THR B 221 8.62 -9.11 -11.39
CA THR B 221 8.68 -10.25 -12.33
C THR B 221 9.73 -10.07 -13.43
N PHE B 222 10.12 -8.82 -13.70
CA PHE B 222 11.10 -8.46 -14.73
C PHE B 222 12.52 -8.90 -14.41
N ASN B 223 12.84 -9.16 -13.11
CA ASN B 223 14.17 -9.64 -12.71
C ASN B 223 14.48 -10.99 -13.33
N HIS B 224 13.50 -11.90 -13.26
CA HIS B 224 13.58 -13.23 -13.85
C HIS B 224 13.62 -13.14 -15.38
N HIS B 225 12.69 -12.37 -15.99
CA HIS B 225 12.61 -12.19 -17.44
C HIS B 225 13.90 -11.62 -18.03
N HIS B 226 14.49 -10.61 -17.36
CA HIS B 226 15.71 -9.96 -17.83
C HIS B 226 16.91 -10.89 -17.81
N ALA B 227 17.07 -11.65 -16.71
CA ALA B 227 18.11 -12.66 -16.51
C ALA B 227 18.11 -13.68 -17.65
N GLU B 228 16.90 -14.09 -18.13
CA GLU B 228 16.71 -15.05 -19.23
C GLU B 228 17.26 -14.42 -20.50
N MET B 229 16.80 -13.18 -20.77
CA MET B 229 17.15 -12.36 -21.92
C MET B 229 18.65 -12.01 -21.99
N LEU B 230 19.37 -12.09 -20.83
CA LEU B 230 20.83 -11.86 -20.73
C LEU B 230 21.65 -13.08 -21.16
N MET B 231 21.21 -14.31 -20.73
CA MET B 231 21.87 -15.59 -21.09
C MET B 231 21.80 -15.81 -22.60
N SER B 232 20.66 -15.44 -23.23
CA SER B 232 20.44 -15.54 -24.67
C SER B 232 21.31 -14.54 -25.44
N TRP B 233 21.51 -13.33 -24.87
CA TRP B 233 22.30 -12.21 -25.40
C TRP B 233 23.79 -12.58 -25.60
N ARG B 234 24.40 -13.26 -24.62
CA ARG B 234 25.80 -13.67 -24.64
C ARG B 234 26.10 -14.89 -25.54
N VAL B 235 25.10 -15.80 -25.72
CA VAL B 235 25.26 -17.00 -26.57
C VAL B 235 24.96 -16.71 -28.05
N ASN B 236 24.10 -15.70 -28.33
CA ASN B 236 23.77 -15.25 -29.68
C ASN B 236 24.84 -14.25 -30.17
N ASP B 237 25.98 -14.18 -29.42
CA ASP B 237 27.18 -13.37 -29.64
C ASP B 237 26.89 -11.86 -29.76
N HIS B 238 26.07 -11.31 -28.86
CA HIS B 238 25.76 -9.87 -28.86
C HIS B 238 26.66 -9.14 -27.88
N LYS B 239 27.04 -7.90 -28.23
CA LYS B 239 27.93 -7.05 -27.43
C LYS B 239 27.23 -6.41 -26.22
N PHE B 240 27.98 -6.26 -25.12
CA PHE B 240 27.61 -5.62 -23.84
C PHE B 240 28.61 -4.48 -23.57
N THR B 241 28.13 -3.34 -23.06
CA THR B 241 28.99 -2.20 -22.73
C THR B 241 29.68 -2.46 -21.38
N PRO B 242 30.87 -1.85 -21.07
CA PRO B 242 31.52 -2.09 -19.77
C PRO B 242 30.66 -1.86 -18.50
N LEU B 243 29.74 -0.88 -18.58
CA LEU B 243 28.82 -0.51 -17.50
C LEU B 243 27.79 -1.63 -17.27
N LEU B 244 27.22 -2.23 -18.34
CA LEU B 244 26.24 -3.34 -18.22
C LEU B 244 26.88 -4.59 -17.65
N CYS B 245 28.14 -4.86 -18.04
CA CYS B 245 28.92 -6.00 -17.57
C CYS B 245 29.10 -5.91 -16.07
N GLU B 246 29.40 -4.69 -15.60
CA GLU B 246 29.62 -4.37 -14.20
C GLU B 246 28.36 -4.46 -13.31
N ILE B 247 27.19 -3.97 -13.83
CA ILE B 247 25.90 -3.92 -13.13
C ILE B 247 25.18 -5.29 -13.08
N TRP B 248 25.40 -6.16 -14.08
CA TRP B 248 24.71 -7.45 -14.14
C TRP B 248 25.63 -8.69 -14.11
N ASP B 249 26.97 -8.49 -13.99
CA ASP B 249 27.98 -9.58 -13.98
C ASP B 249 27.81 -10.53 -15.20
N VAL B 250 28.15 -10.03 -16.40
CA VAL B 250 27.99 -10.79 -17.66
C VAL B 250 29.28 -10.80 -18.50
N HIS C 3 -24.50 11.05 26.79
CA HIS C 3 -24.24 9.74 26.18
C HIS C 3 -24.22 8.60 27.25
N GLN C 4 -25.42 8.30 27.77
CA GLN C 4 -25.74 7.33 28.82
C GLN C 4 -25.24 5.89 28.57
N LEU C 5 -25.68 5.26 27.46
CA LEU C 5 -25.32 3.88 27.13
C LEU C 5 -23.82 3.66 26.94
N LEU C 6 -23.18 4.56 26.18
CA LEU C 6 -21.76 4.55 25.84
C LEU C 6 -20.87 4.61 27.07
N ARG C 7 -21.21 5.48 28.03
CA ARG C 7 -20.44 5.56 29.28
C ARG C 7 -20.64 4.28 30.10
N TYR C 8 -21.87 3.75 30.09
CA TYR C 8 -22.18 2.54 30.83
C TYR C 8 -21.30 1.40 30.32
N LEU C 9 -21.21 1.27 28.99
CA LEU C 9 -20.39 0.25 28.35
C LEU C 9 -18.90 0.44 28.64
N LEU C 10 -18.45 1.70 28.75
CA LEU C 10 -17.07 2.04 29.05
C LEU C 10 -16.68 1.86 30.50
N ASP C 11 -17.60 2.13 31.44
CA ASP C 11 -17.34 2.09 32.88
C ASP C 11 -17.66 0.75 33.57
N LYS C 12 -18.63 -0.03 33.05
CA LYS C 12 -19.01 -1.32 33.65
C LYS C 12 -17.83 -2.34 33.81
N ASP C 13 -17.93 -3.22 34.83
CA ASP C 13 -16.93 -4.22 35.15
C ASP C 13 -17.39 -5.62 34.72
N ASP D 2 37.72 -3.99 -8.32
CA ASP D 2 36.34 -4.45 -8.11
C ASP D 2 35.29 -3.33 -8.39
N HIS D 3 34.49 -3.49 -9.47
CA HIS D 3 33.45 -2.54 -9.92
C HIS D 3 34.01 -1.08 -10.12
N GLN D 4 35.03 -0.93 -10.98
CA GLN D 4 35.72 0.35 -11.25
C GLN D 4 34.84 1.51 -11.78
N LEU D 5 34.09 1.28 -12.86
CA LEU D 5 33.22 2.30 -13.47
C LEU D 5 32.10 2.79 -12.53
N LEU D 6 31.43 1.85 -11.82
CA LEU D 6 30.33 2.10 -10.88
C LEU D 6 30.80 2.95 -9.73
N ARG D 7 32.02 2.66 -9.21
CA ARG D 7 32.61 3.43 -8.12
C ARG D 7 32.97 4.83 -8.58
N TYR D 8 33.42 4.99 -9.84
CA TYR D 8 33.77 6.26 -10.45
C TYR D 8 32.52 7.13 -10.56
N LEU D 9 31.41 6.54 -11.04
CA LEU D 9 30.15 7.24 -11.19
C LEU D 9 29.57 7.68 -9.83
N LEU D 10 29.77 6.87 -8.80
CA LEU D 10 29.31 7.15 -7.45
C LEU D 10 30.15 8.16 -6.69
N ASP D 11 31.47 8.17 -6.92
CA ASP D 11 32.40 9.03 -6.19
C ASP D 11 32.70 10.37 -6.86
N LYS D 12 32.63 10.47 -8.21
CA LYS D 12 32.93 11.71 -8.97
C LYS D 12 32.05 12.91 -8.54
C13 IUS E . -24.20 -2.42 8.07
C18 IUS E . -26.56 -0.14 9.39
C17 IUS E . -25.35 -1.50 8.38
C16 IUS E . -23.08 -4.57 8.79
C15 IUS E . -24.23 -3.60 9.07
C19 IUS E . -27.31 0.79 10.32
C20 IUS E . -27.88 2.00 9.59
C21 IUS E . -28.47 0.00 10.97
C22 IUS E . -26.14 -8.10 5.54
C23 IUS E . -27.43 -8.56 5.46
C24 IUS E . -27.77 -9.63 4.63
C11 IUS E . -23.19 -3.99 6.38
C12 IUS E . -24.31 -2.98 6.64
C34 IUS E . -29.82 -9.41 3.22
C27 IUS E . -21.15 -7.23 8.43
C33 IUS E . -29.36 -11.58 4.38
C1 IUS E . -23.20 -7.64 6.04
C2 IUS E . -23.72 -8.15 4.84
C3 IUS E . -22.93 -8.10 3.70
C4 IUS E . -21.65 -7.57 3.73
C5 IUS E . -21.13 -7.09 4.92
C6 IUS E . -21.91 -7.10 6.07
C7 IUS E . -25.11 -8.68 4.80
N1 IUS E . -21.41 -6.53 7.28
C8 IUS E . -22.83 -1.73 8.20
C9 IUS E . -21.69 -2.71 7.89
C10 IUS E . -22.26 -4.11 7.58
C14 IUS E . -21.12 -5.09 7.27
N2 IUS E . -25.41 -0.69 9.49
O1 IUS E . -27.24 -0.51 8.29
N3 IUS E . -26.39 -1.43 7.61
F1 IUS E . -26.44 1.23 11.33
C25 IUS E . -26.75 -10.23 3.90
C26 IUS E . -25.44 -9.77 3.99
O2 IUS E . -20.61 -6.70 9.38
C28 IUS E . -21.49 -8.70 8.46
C29 IUS E . -20.41 -10.56 8.67
C30 IUS E . -20.66 -9.59 7.52
C31 IUS E . -20.97 -9.53 9.65
O3 IUS E . -19.00 -10.79 8.82
C32 IUS E . -29.23 -10.07 4.46
O4 IUS E . -30.03 -9.63 5.59
C35 IUS E . -21.09 -11.92 8.60
F2 IUS E . -20.28 -12.86 8.12
F3 IUS E . -22.17 -11.91 7.83
F4 IUS E . -21.50 -12.35 9.80
H18 IUS E . -22.46 -4.68 9.68
H17 IUS E . -23.50 -5.57 8.62
H15 IUS E . -24.18 -3.23 10.09
H16 IUS E . -25.19 -4.12 9.01
H21 IUS E . -28.58 1.74 8.80
H19 IUS E . -27.09 2.60 9.14
H20 IUS E . -28.41 2.66 10.29
H22 IUS E . -28.08 -0.85 11.51
H23 IUS E . -29.17 -0.38 10.23
H24 IUS E . -29.02 0.63 11.67
H25 IUS E . -25.92 -7.26 6.21
H26 IUS E . -28.19 -8.05 6.06
H10 IUS E . -23.68 -4.94 6.14
H9 IUS E . -22.64 -3.73 5.47
H12 IUS E . -25.27 -3.44 6.47
H11 IUS E . -24.26 -2.16 5.93
H39 IUS E . -29.27 -9.72 2.34
H41 IUS E . -29.79 -8.33 3.27
H40 IUS E . -30.86 -9.70 3.03
H38 IUS E . -28.80 -12.06 5.19
H36 IUS E . -29.00 -11.99 3.45
H37 IUS E . -30.39 -11.91 4.48
H1 IUS E . -23.81 -7.66 6.94
H2 IUS E . -23.32 -8.46 2.74
H3 IUS E . -21.03 -7.55 2.85
H4 IUS E . -20.11 -6.71 4.94
H5 IUS E . -22.78 -0.85 7.56
H6 IUS E . -22.73 -1.33 9.22
H8 IUS E . -21.08 -2.36 7.06
H7 IUS E . -21.00 -2.76 8.73
H13 IUS E . -20.71 -4.81 6.30
H14 IUS E . -20.26 -4.86 7.92
H27 IUS E . -26.93 -11.07 3.24
H28 IUS E . -24.67 -10.29 3.42
H29 IUS E . -22.57 -8.84 8.33
H31 IUS E . -21.20 -9.97 6.65
H30 IUS E . -19.78 -9.11 7.11
H33 IUS E . -20.22 -9.06 10.29
H32 IUS E . -21.74 -9.88 10.35
H34 IUS E . -18.55 -9.91 8.91
H35 IUS E . -30.97 -9.83 5.39
C13 IUS F . 16.08 -3.55 -23.19
C18 IUS F . 19.05 -5.44 -23.03
C17 IUS F . 17.28 -4.42 -23.40
C16 IUS F . 15.27 -1.17 -23.43
C15 IUS F . 16.45 -2.11 -23.64
C19 IUS F . 20.36 -5.99 -22.54
C20 IUS F . 20.36 -7.51 -22.63
C21 IUS F . 21.54 -5.44 -23.34
C22 IUS F . 13.98 -1.12 -28.91
C23 IUS F . 14.62 -1.17 -30.14
C24 IUS F . 13.99 -0.67 -31.28
C11 IUS F . 13.73 -3.05 -23.96
C12 IUS F . 14.90 -4.03 -24.04
C34 IUS F . 14.22 -2.13 -33.30
C27 IUS F . 13.13 1.26 -23.60
C33 IUS F . 14.34 0.36 -33.57
C1 IUS F . 12.67 -0.40 -26.26
C2 IUS F . 11.98 -0.63 -27.46
C3 IUS F . 10.61 -0.87 -27.41
C4 IUS F . 9.93 -0.86 -26.21
C5 IUS F . 10.60 -0.62 -25.02
C6 IUS F . 11.98 -0.38 -25.06
C7 IUS F . 12.70 -0.59 -28.77
N1 IUS F . 12.65 0.00 -23.85
C8 IUS F . 15.61 -3.47 -21.73
C9 IUS F . 14.37 -2.59 -21.59
C10 IUS F . 14.03 -1.94 -22.95
C14 IUS F . 12.82 -1.02 -22.80
N2 IUS F . 18.14 -4.81 -22.40
O1 IUS F . 18.84 -5.53 -24.35
N3 IUS F . 17.64 -4.83 -24.58
F1 IUS F . 20.51 -5.61 -21.19
C25 IUS F . 12.73 -0.10 -31.13
C26 IUS F . 12.10 -0.05 -29.91
O2 IUS F . 13.65 1.53 -22.53
C28 IUS F . 13.00 2.34 -24.66
C29 IUS F . 12.83 4.49 -24.75
C30 IUS F . 11.85 3.34 -24.49
C31 IUS F . 13.99 3.51 -24.57
O3 IUS F . 12.83 5.51 -23.76
C32 IUS F . 14.65 -0.81 -32.66
O4 IUS F . 16.09 -0.86 -32.51
C35 IUS F . 12.72 5.16 -26.11
F2 IUS F . 13.49 6.23 -26.21
F3 IUS F . 11.47 5.56 -26.36
F4 IUS F . 13.06 4.35 -27.10
H18 IUS F . 15.53 -0.37 -22.74
H17 IUS F . 15.07 -0.66 -24.38
H15 IUS F . 17.32 -1.77 -23.09
H16 IUS F . 16.75 -2.11 -24.68
H21 IUS F . 20.01 -7.87 -23.60
H19 IUS F . 19.68 -7.95 -21.88
H20 IUS F . 21.34 -7.94 -22.46
H22 IUS F . 21.53 -4.34 -23.35
H23 IUS F . 21.53 -5.75 -24.38
H24 IUS F . 22.50 -5.74 -22.91
H25 IUS F . 14.51 -1.50 -28.03
H26 IUS F . 15.60 -1.62 -30.18
H10 IUS F . 13.56 -2.66 -24.96
H9 IUS F . 12.81 -3.58 -23.69
H12 IUS F . 15.18 -4.17 -25.08
H11 IUS F . 14.59 -5.03 -23.71
H39 IUS F . 13.63 -1.99 -34.21
H41 IUS F . 13.60 -2.72 -32.63
H40 IUS F . 15.05 -2.76 -33.58
H38 IUS F . 14.45 1.31 -33.06
H36 IUS F . 13.31 0.34 -33.96
H37 IUS F . 14.98 0.39 -34.45
H1 IUS F . 13.74 -0.24 -26.29
H2 IUS F . 10.04 -1.08 -28.32
H3 IUS F . 8.85 -1.00 -26.18
H4 IUS F . 10.07 -0.63 -24.08
H5 IUS F . 15.43 -4.47 -21.33
H6 IUS F . 16.43 -3.07 -21.13
H8 IUS F . 13.52 -3.16 -21.23
H7 IUS F . 14.53 -1.83 -20.83
H13 IUS F . 11.91 -1.64 -22.80
H14 IUS F . 12.79 -0.57 -21.82
H27 IUS F . 12.19 0.36 -31.97
H28 IUS F . 11.12 0.41 -29.85
H29 IUS F . 13.02 1.92 -25.67
H31 IUS F . 11.03 3.23 -25.20
H30 IUS F . 11.37 3.34 -23.51
H33 IUS F . 14.52 3.62 -23.62
H32 IUS F . 14.77 3.53 -25.33
H34 IUS F . 12.80 5.06 -22.86
H35 IUS F . 16.49 -0.96 -33.41
#